data_4J78
#
_entry.id   4J78
#
_cell.length_a   75.187
_cell.length_b   51.220
_cell.length_c   85.137
_cell.angle_alpha   90.00
_cell.angle_beta   101.60
_cell.angle_gamma   90.00
#
_symmetry.space_group_name_H-M   'C 1 2 1'
#
loop_
_entity.id
_entity.type
_entity.pdbx_description
1 polymer "Coatomer subunit beta'"
2 polymer Emp47p
3 water water
#
loop_
_entity_poly.entity_id
_entity_poly.type
_entity_poly.pdbx_seq_one_letter_code
_entity_poly.pdbx_strand_id
1 'polypeptide(L)'
;MKLDIKKTFSNRSDRVKGIDFHPTEPWVLTTLYSGRVEIWNYETQVEVRSIQVTETPVRAGKFIARKNWIIVGSDDFRIR
VFNYNTGEKVVDFEAHPDYIRSIAVHPTKPYVLSGSDDLTVKLWNWENNWALEQTFEGHEHFVMCVAFNPKDPSTFASGC
LDRTVKVWSLGQSTPNFTLTTGQERGVNYVDYYPLPDKPYMITASDDLTIKIWDYQTKSCVATLEGHMSNVSFAVFHPTL
PIIISGSEDGTLKIWNSSTYKVEKTLNVGLERSWCIATHPTGRKNYIASGFDNGFTVLSLG
;
A
2 'polypeptide(L)' KTKLL B
#
# COMPACT_ATOMS: atom_id res chain seq x y z
N LYS A 2 6.97 26.03 2.76
CA LYS A 2 6.98 24.87 3.60
C LYS A 2 7.25 23.79 2.60
N LEU A 3 6.30 23.57 1.71
CA LEU A 3 6.44 22.61 0.64
C LEU A 3 7.55 22.95 -0.32
N ASP A 4 8.65 22.22 -0.29
CA ASP A 4 9.81 22.48 -1.14
C ASP A 4 10.33 21.14 -1.62
N ILE A 5 9.77 20.67 -2.73
CA ILE A 5 9.95 19.30 -3.18
C ILE A 5 11.24 19.10 -3.94
N LYS A 6 12.08 18.20 -3.42
CA LYS A 6 13.37 17.90 -4.04
C LYS A 6 13.45 16.41 -4.34
N LYS A 7 14.07 16.08 -5.47
CA LYS A 7 14.27 14.68 -5.86
C LYS A 7 15.49 14.14 -5.13
N THR A 8 15.27 13.19 -4.24
CA THR A 8 16.35 12.59 -3.48
C THR A 8 17.04 11.55 -4.35
N PHE A 9 16.24 10.69 -4.97
CA PHE A 9 16.78 9.61 -5.79
C PHE A 9 15.68 9.03 -6.65
N SER A 10 15.91 8.97 -7.95
CA SER A 10 15.02 8.26 -8.86
C SER A 10 15.84 7.37 -9.76
N ASN A 11 15.34 6.17 -10.01
CA ASN A 11 16.01 5.21 -10.89
C ASN A 11 14.97 4.54 -11.76
N ARG A 12 15.37 4.16 -12.95
CA ARG A 12 14.51 3.43 -13.86
C ARG A 12 14.54 1.93 -13.60
N SER A 13 13.42 1.28 -13.88
CA SER A 13 13.29 -0.16 -13.72
C SER A 13 12.01 -0.60 -14.41
N ASP A 14 11.75 -1.89 -14.38
CA ASP A 14 10.47 -2.41 -14.77
C ASP A 14 9.40 -1.89 -13.81
N ARG A 15 8.15 -2.05 -14.19
CA ARG A 15 7.02 -1.48 -13.46
C ARG A 15 7.04 -1.83 -11.99
N VAL A 16 6.99 -0.80 -11.15
CA VAL A 16 7.03 -0.94 -9.70
C VAL A 16 5.60 -1.00 -9.17
N LYS A 17 5.23 -2.15 -8.65
CA LYS A 17 3.88 -2.38 -8.13
C LYS A 17 3.76 -2.20 -6.62
N GLY A 18 4.85 -2.43 -5.90
CA GLY A 18 4.86 -2.28 -4.45
C GLY A 18 6.08 -1.50 -4.01
N ILE A 19 5.97 -0.79 -2.90
CA ILE A 19 7.06 0.05 -2.43
C ILE A 19 6.91 0.27 -0.93
N ASP A 20 8.03 0.37 -0.22
CA ASP A 20 8.01 0.53 1.23
C ASP A 20 9.31 1.13 1.73
N PHE A 21 9.25 1.92 2.79
CA PHE A 21 10.44 2.45 3.45
C PHE A 21 10.82 1.61 4.67
N HIS A 22 12.11 1.45 4.88
CA HIS A 22 12.62 0.87 6.11
C HIS A 22 12.58 1.97 7.17
N PRO A 23 12.19 1.64 8.41
CA PRO A 23 12.00 2.70 9.41
C PRO A 23 13.29 3.31 9.97
N THR A 24 14.38 2.57 10.00
CA THR A 24 15.65 3.08 10.57
C THR A 24 16.87 3.13 9.62
N GLU A 25 16.83 2.41 8.51
CA GLU A 25 17.86 2.48 7.48
C GLU A 25 17.32 3.31 6.34
N PRO A 26 18.18 4.05 5.62
CA PRO A 26 17.71 4.89 4.53
C PRO A 26 17.46 4.05 3.28
N TRP A 27 16.55 3.10 3.42
CA TRP A 27 16.30 2.11 2.36
C TRP A 27 14.87 2.19 1.86
N VAL A 28 14.70 1.89 0.58
CA VAL A 28 13.40 1.69 -0.01
C VAL A 28 13.39 0.33 -0.70
N LEU A 29 12.31 -0.42 -0.50
CA LEU A 29 12.04 -1.67 -1.19
C LEU A 29 11.10 -1.41 -2.36
N THR A 30 11.44 -1.94 -3.52
CA THR A 30 10.53 -1.94 -4.64
C THR A 30 10.26 -3.37 -5.09
N THR A 31 9.01 -3.64 -5.46
CA THR A 31 8.64 -4.96 -5.97
C THR A 31 8.10 -4.77 -7.38
N LEU A 32 8.61 -5.55 -8.33
CA LEU A 32 8.38 -5.27 -9.75
C LEU A 32 7.48 -6.27 -10.45
N TYR A 33 6.91 -5.80 -11.56
CA TYR A 33 6.04 -6.63 -12.39
C TYR A 33 6.79 -7.82 -13.00
N SER A 34 8.11 -7.70 -13.10
CA SER A 34 8.97 -8.72 -13.66
C SER A 34 9.29 -9.87 -12.71
N GLY A 35 8.87 -9.76 -11.45
CA GLY A 35 9.22 -10.78 -10.47
C GLY A 35 10.44 -10.47 -9.64
N ARG A 36 11.11 -9.37 -9.97
CA ARG A 36 12.28 -8.90 -9.25
C ARG A 36 11.88 -7.96 -8.11
N VAL A 37 12.67 -7.98 -7.02
CA VAL A 37 12.55 -6.99 -5.97
C VAL A 37 13.91 -6.38 -5.69
N GLU A 38 13.94 -5.10 -5.35
CA GLU A 38 15.15 -4.35 -5.10
C GLU A 38 15.06 -3.59 -3.79
N ILE A 39 16.14 -3.59 -3.02
CA ILE A 39 16.27 -2.70 -1.88
C ILE A 39 17.38 -1.71 -2.20
N TRP A 40 17.03 -0.43 -2.22
CA TRP A 40 17.99 0.64 -2.51
C TRP A 40 18.28 1.51 -1.30
N ASN A 41 19.54 1.85 -1.10
CA ASN A 41 19.88 2.91 -0.18
C ASN A 41 19.73 4.20 -0.97
N TYR A 42 18.74 5.01 -0.63
CA TYR A 42 18.43 6.19 -1.46
C TYR A 42 19.29 7.39 -1.11
N GLU A 43 20.07 7.29 -0.04
CA GLU A 43 21.01 8.36 0.28
C GLU A 43 22.36 8.15 -0.42
N THR A 44 22.83 6.91 -0.52
CA THR A 44 24.07 6.60 -1.24
C THR A 44 23.80 6.19 -2.70
N GLN A 45 22.56 5.86 -3.00
CA GLN A 45 22.16 5.46 -4.35
C GLN A 45 22.88 4.20 -4.80
N VAL A 46 22.95 3.24 -3.88
CA VAL A 46 23.53 1.94 -4.14
C VAL A 46 22.56 0.87 -3.70
N GLU A 47 22.50 -0.21 -4.48
CA GLU A 47 21.63 -1.34 -4.14
C GLU A 47 22.13 -2.11 -2.93
N VAL A 48 21.26 -2.29 -1.95
CA VAL A 48 21.56 -3.10 -0.78
C VAL A 48 21.48 -4.58 -1.11
N ARG A 49 20.39 -4.98 -1.75
CA ARG A 49 20.15 -6.36 -2.12
C ARG A 49 19.07 -6.38 -3.17
N SER A 50 19.15 -7.33 -4.09
CA SER A 50 18.06 -7.55 -5.02
C SER A 50 17.90 -9.04 -5.27
N ILE A 51 16.69 -9.44 -5.61
CA ILE A 51 16.34 -10.84 -5.74
C ILE A 51 15.40 -11.03 -6.92
N GLN A 52 15.69 -12.00 -7.77
CA GLN A 52 14.72 -12.46 -8.75
C GLN A 52 13.85 -13.50 -8.04
N VAL A 53 12.72 -13.05 -7.53
CA VAL A 53 11.90 -13.85 -6.64
C VAL A 53 11.08 -14.88 -7.41
N THR A 54 10.60 -14.48 -8.57
CA THR A 54 9.68 -15.29 -9.36
C THR A 54 9.67 -14.68 -10.76
N GLU A 55 8.95 -15.30 -11.70
CA GLU A 55 8.80 -14.69 -13.02
C GLU A 55 7.48 -13.97 -13.17
N THR A 56 6.66 -14.03 -12.12
CA THR A 56 5.36 -13.39 -12.13
C THR A 56 5.44 -12.04 -11.43
N PRO A 57 4.44 -11.17 -11.64
CA PRO A 57 4.46 -9.90 -10.91
C PRO A 57 4.45 -10.06 -9.39
N VAL A 58 5.21 -9.20 -8.72
CA VAL A 58 5.19 -9.13 -7.28
C VAL A 58 4.48 -7.81 -6.92
N ARG A 59 3.23 -7.89 -6.54
CA ARG A 59 2.46 -6.69 -6.36
C ARG A 59 2.55 -6.09 -4.98
N ALA A 60 3.00 -6.87 -4.02
CA ALA A 60 3.01 -6.46 -2.66
C ALA A 60 4.33 -6.74 -1.97
N GLY A 61 4.79 -5.80 -1.17
CA GLY A 61 6.03 -5.97 -0.42
C GLY A 61 6.14 -4.98 0.72
N LYS A 62 6.53 -5.52 1.85
CA LYS A 62 6.80 -4.71 3.04
C LYS A 62 8.04 -5.14 3.77
N PHE A 63 8.69 -4.20 4.41
CA PHE A 63 9.62 -4.54 5.45
C PHE A 63 8.95 -5.06 6.74
N ILE A 64 9.56 -6.04 7.39
CA ILE A 64 9.30 -6.35 8.79
C ILE A 64 10.64 -6.15 9.52
N ALA A 65 10.85 -4.93 9.88
CA ALA A 65 12.15 -4.51 10.35
C ALA A 65 12.58 -5.19 11.65
N ARG A 66 11.62 -5.45 12.53
CA ARG A 66 11.91 -6.08 13.79
C ARG A 66 12.38 -7.52 13.67
N LYS A 67 12.28 -8.10 12.50
CA LYS A 67 12.73 -9.41 12.23
C LYS A 67 13.80 -9.40 11.14
N ASN A 68 14.22 -8.23 10.71
CA ASN A 68 15.13 -8.08 9.57
C ASN A 68 14.68 -8.78 8.30
N TRP A 69 13.39 -8.70 8.03
CA TRP A 69 12.80 -9.31 6.89
C TRP A 69 12.20 -8.36 5.87
N ILE A 70 12.07 -8.86 4.66
CA ILE A 70 11.08 -8.39 3.74
C ILE A 70 10.07 -9.50 3.46
N ILE A 71 8.80 -9.11 3.22
CA ILE A 71 7.76 -10.04 2.87
C ILE A 71 7.13 -9.59 1.58
N VAL A 72 6.97 -10.54 0.65
CA VAL A 72 6.47 -10.20 -0.65
C VAL A 72 5.36 -11.18 -1.09
N GLY A 73 4.47 -10.67 -1.90
CA GLY A 73 3.45 -11.52 -2.46
C GLY A 73 3.32 -11.33 -3.95
N SER A 74 3.04 -12.42 -4.64
CA SER A 74 3.07 -12.41 -6.06
C SER A 74 1.92 -13.10 -6.78
N ASP A 75 1.85 -12.94 -8.09
CA ASP A 75 0.78 -13.49 -8.88
C ASP A 75 0.86 -15.01 -9.05
N ASP A 76 1.95 -15.62 -8.62
CA ASP A 76 2.00 -17.04 -8.50
C ASP A 76 1.34 -17.60 -7.26
N PHE A 77 0.65 -16.73 -6.57
CA PHE A 77 -0.14 -17.05 -5.37
C PHE A 77 0.65 -17.18 -4.08
N ARG A 78 1.92 -16.87 -4.12
CA ARG A 78 2.75 -17.17 -3.00
C ARG A 78 3.22 -15.96 -2.19
N ILE A 79 3.37 -16.18 -0.89
CA ILE A 79 4.04 -15.26 -0.01
C ILE A 79 5.44 -15.82 0.23
N ARG A 80 6.42 -14.93 0.12
CA ARG A 80 7.78 -15.29 0.44
C ARG A 80 8.40 -14.26 1.39
N VAL A 81 9.24 -14.73 2.28
CA VAL A 81 9.89 -13.88 3.25
C VAL A 81 11.39 -14.12 3.15
N PHE A 82 12.14 -13.03 3.09
CA PHE A 82 13.58 -13.07 2.96
C PHE A 82 14.23 -12.24 4.06
N ASN A 83 15.34 -12.76 4.61
CA ASN A 83 16.14 -11.96 5.53
C ASN A 83 16.99 -11.04 4.67
N TYR A 84 16.89 -9.73 4.88
CA TYR A 84 17.56 -8.79 3.99
C TYR A 84 19.04 -8.64 4.29
N ASN A 85 19.49 -9.18 5.41
CA ASN A 85 20.91 -9.15 5.76
C ASN A 85 21.68 -10.34 5.19
N THR A 86 21.01 -11.48 5.07
CA THR A 86 21.68 -12.70 4.61
C THR A 86 21.16 -13.19 3.26
N GLY A 87 19.97 -12.77 2.88
CA GLY A 87 19.36 -13.26 1.65
C GLY A 87 18.61 -14.56 1.84
N GLU A 88 18.59 -15.08 3.04
CA GLU A 88 17.92 -16.34 3.34
C GLU A 88 16.42 -16.24 3.04
N LYS A 89 15.91 -17.24 2.34
CA LYS A 89 14.48 -17.35 2.17
C LYS A 89 13.92 -18.09 3.38
N VAL A 90 13.24 -17.34 4.23
CA VAL A 90 12.74 -17.81 5.51
C VAL A 90 11.53 -18.71 5.34
N VAL A 91 10.62 -18.32 4.47
CA VAL A 91 9.44 -19.12 4.20
C VAL A 91 8.95 -18.84 2.79
N ASP A 92 8.23 -19.80 2.23
CA ASP A 92 7.71 -19.71 0.87
C ASP A 92 6.49 -20.60 0.80
N PHE A 93 5.30 -20.00 0.78
CA PHE A 93 4.07 -20.80 0.79
C PHE A 93 2.99 -20.24 -0.12
N GLU A 94 2.11 -21.11 -0.62
CA GLU A 94 0.94 -20.64 -1.34
C GLU A 94 -0.06 -20.12 -0.31
N ALA A 95 -0.41 -18.86 -0.46
CA ALA A 95 -1.26 -18.16 0.48
C ALA A 95 -2.73 -18.18 0.04
N HIS A 96 -2.94 -18.10 -1.26
CA HIS A 96 -4.29 -18.03 -1.83
C HIS A 96 -4.29 -18.80 -3.13
N PRO A 97 -5.46 -19.16 -3.66
CA PRO A 97 -5.50 -19.78 -4.99
C PRO A 97 -5.61 -18.76 -6.13
N ASP A 98 -5.21 -17.51 -5.86
CA ASP A 98 -5.28 -16.46 -6.87
C ASP A 98 -4.29 -15.36 -6.48
N TYR A 99 -4.23 -14.29 -7.29
CA TYR A 99 -3.24 -13.23 -7.09
C TYR A 99 -3.32 -12.62 -5.70
N ILE A 100 -2.15 -12.22 -5.20
CA ILE A 100 -2.06 -11.45 -3.98
C ILE A 100 -1.92 -9.98 -4.36
N ARG A 101 -2.81 -9.13 -3.88
CA ARG A 101 -2.84 -7.71 -4.24
C ARG A 101 -2.15 -6.81 -3.21
N SER A 102 -2.15 -7.22 -1.95
CA SER A 102 -1.80 -6.32 -0.88
C SER A 102 -1.39 -7.10 0.35
N ILE A 103 -0.39 -6.58 1.06
CA ILE A 103 0.07 -7.14 2.32
C ILE A 103 0.20 -6.03 3.35
N ALA A 104 -0.25 -6.30 4.58
CA ALA A 104 -0.09 -5.38 5.68
C ALA A 104 0.50 -6.12 6.86
N VAL A 105 1.36 -5.42 7.61
CA VAL A 105 2.04 -5.97 8.77
C VAL A 105 1.56 -5.25 10.03
N HIS A 106 1.16 -6.00 11.04
CA HIS A 106 0.69 -5.43 12.29
C HIS A 106 1.85 -4.69 12.96
N PRO A 107 1.58 -3.54 13.60
CA PRO A 107 2.69 -2.75 14.15
C PRO A 107 3.46 -3.37 15.33
N THR A 108 2.80 -4.21 16.13
CA THR A 108 3.46 -4.87 17.27
C THR A 108 3.33 -6.39 17.37
N LYS A 109 2.22 -6.95 16.89
CA LYS A 109 1.94 -8.37 16.98
C LYS A 109 2.44 -9.06 15.70
N PRO A 110 2.69 -10.39 15.77
CA PRO A 110 3.37 -11.06 14.65
C PRO A 110 2.41 -11.47 13.56
N TYR A 111 1.62 -10.52 13.08
CA TYR A 111 0.55 -10.80 12.14
C TYR A 111 0.78 -10.12 10.81
N VAL A 112 0.49 -10.86 9.75
CA VAL A 112 0.46 -10.30 8.41
C VAL A 112 -0.90 -10.57 7.80
N LEU A 113 -1.46 -9.57 7.11
CA LEU A 113 -2.69 -9.75 6.34
C LEU A 113 -2.33 -9.77 4.86
N SER A 114 -2.98 -10.65 4.12
CA SER A 114 -2.89 -10.63 2.66
C SER A 114 -4.28 -10.51 2.07
N GLY A 115 -4.43 -9.65 1.07
CA GLY A 115 -5.68 -9.50 0.35
C GLY A 115 -5.49 -10.05 -1.05
N SER A 116 -6.52 -10.76 -1.54
CA SER A 116 -6.39 -11.56 -2.77
C SER A 116 -7.59 -11.46 -3.71
N ASP A 117 -7.32 -11.79 -4.97
CA ASP A 117 -8.35 -11.95 -5.97
C ASP A 117 -9.29 -13.11 -5.65
N ASP A 118 -8.93 -13.95 -4.67
CA ASP A 118 -9.82 -15.03 -4.23
C ASP A 118 -10.97 -14.55 -3.33
N LEU A 119 -11.11 -13.24 -3.20
CA LEU A 119 -12.21 -12.57 -2.51
C LEU A 119 -12.02 -12.51 -0.99
N THR A 120 -10.84 -12.89 -0.52
CA THR A 120 -10.61 -12.95 0.93
C THR A 120 -9.43 -12.13 1.40
N VAL A 121 -9.41 -11.93 2.71
CA VAL A 121 -8.23 -11.51 3.43
C VAL A 121 -7.83 -12.66 4.34
N LYS A 122 -6.54 -12.97 4.40
CA LYS A 122 -6.05 -14.00 5.31
C LYS A 122 -5.04 -13.42 6.29
N LEU A 123 -5.07 -13.98 7.50
CA LEU A 123 -4.22 -13.56 8.60
C LEU A 123 -3.23 -14.67 8.91
N TRP A 124 -1.94 -14.34 8.88
CA TRP A 124 -0.85 -15.30 9.10
C TRP A 124 -0.06 -14.87 10.33
N ASN A 125 0.40 -15.85 11.11
CA ASN A 125 1.10 -15.58 12.36
C ASN A 125 2.51 -16.17 12.30
N TRP A 126 3.53 -15.31 12.24
CA TRP A 126 4.89 -15.81 12.06
C TRP A 126 5.49 -16.41 13.31
N GLU A 127 4.84 -16.25 14.46
CA GLU A 127 5.28 -16.92 15.68
C GLU A 127 4.65 -18.32 15.78
N ASN A 128 3.70 -18.61 14.89
CA ASN A 128 3.09 -19.94 14.82
C ASN A 128 3.38 -20.59 13.47
N ASN A 129 4.64 -20.55 13.06
CA ASN A 129 5.06 -21.18 11.80
C ASN A 129 4.26 -20.68 10.60
N TRP A 130 3.93 -19.39 10.61
CA TRP A 130 3.19 -18.77 9.52
C TRP A 130 1.85 -19.47 9.26
N ALA A 131 1.24 -19.95 10.33
CA ALA A 131 -0.05 -20.59 10.26
C ALA A 131 -1.12 -19.61 9.80
N LEU A 132 -2.07 -20.12 9.03
CA LEU A 132 -3.27 -19.39 8.69
C LEU A 132 -4.15 -19.39 9.93
N GLU A 133 -4.32 -18.22 10.54
CA GLU A 133 -5.10 -18.15 11.77
C GLU A 133 -6.54 -17.72 11.53
N GLN A 134 -6.79 -17.02 10.43
CA GLN A 134 -8.16 -16.61 10.10
C GLN A 134 -8.29 -16.23 8.64
N THR A 135 -9.45 -16.52 8.07
CA THR A 135 -9.83 -16.05 6.75
C THR A 135 -11.07 -15.18 6.88
N PHE A 136 -11.00 -13.97 6.32
CA PHE A 136 -12.10 -13.02 6.39
C PHE A 136 -12.84 -13.05 5.07
N GLU A 137 -14.09 -13.54 5.12
CA GLU A 137 -14.91 -13.75 3.94
C GLU A 137 -16.10 -12.81 3.95
N GLY A 138 -16.53 -12.37 2.78
CA GLY A 138 -17.66 -11.46 2.67
C GLY A 138 -17.58 -10.59 1.44
N HIS A 139 -16.35 -10.25 1.02
CA HIS A 139 -16.19 -9.45 -0.20
C HIS A 139 -16.62 -10.27 -1.41
N GLU A 140 -16.99 -9.58 -2.48
CA GLU A 140 -17.54 -10.21 -3.67
C GLU A 140 -16.75 -9.95 -4.95
N HIS A 141 -15.54 -9.40 -4.82
CA HIS A 141 -14.63 -9.21 -5.95
C HIS A 141 -13.23 -9.09 -5.35
N PHE A 142 -12.24 -8.68 -6.15
CA PHE A 142 -10.85 -8.80 -5.74
C PHE A 142 -10.62 -7.86 -4.58
N VAL A 143 -9.93 -8.34 -3.54
CA VAL A 143 -9.51 -7.48 -2.46
C VAL A 143 -8.17 -6.81 -2.82
N MET A 144 -8.23 -5.50 -3.04
CA MET A 144 -7.12 -4.74 -3.61
C MET A 144 -6.16 -4.15 -2.60
N CYS A 145 -6.59 -4.00 -1.36
CA CYS A 145 -5.80 -3.29 -0.36
C CYS A 145 -6.26 -3.66 1.03
N VAL A 146 -5.30 -3.91 1.91
CA VAL A 146 -5.56 -4.12 3.33
C VAL A 146 -4.69 -3.17 4.15
N ALA A 147 -5.24 -2.67 5.24
CA ALA A 147 -4.54 -1.72 6.09
C ALA A 147 -5.03 -1.82 7.53
N PHE A 148 -4.11 -1.96 8.48
CA PHE A 148 -4.47 -1.91 9.88
C PHE A 148 -4.81 -0.48 10.28
N ASN A 149 -5.73 -0.33 11.23
CA ASN A 149 -5.95 0.96 11.84
C ASN A 149 -4.79 1.21 12.81
N PRO A 150 -3.95 2.21 12.53
CA PRO A 150 -2.77 2.37 13.41
C PRO A 150 -3.14 2.77 14.84
N LYS A 151 -4.32 3.34 15.03
CA LYS A 151 -4.77 3.76 16.34
C LYS A 151 -5.48 2.62 17.07
N ASP A 152 -5.84 1.58 16.34
CA ASP A 152 -6.46 0.40 16.94
C ASP A 152 -6.24 -0.77 16.01
N PRO A 153 -5.03 -1.35 16.05
CA PRO A 153 -4.69 -2.39 15.07
C PRO A 153 -5.29 -3.75 15.41
N SER A 154 -6.23 -3.81 16.34
CA SER A 154 -7.09 -4.98 16.45
C SER A 154 -8.15 -4.95 15.34
N THR A 155 -8.19 -3.83 14.62
CA THR A 155 -9.11 -3.69 13.48
C THR A 155 -8.31 -3.34 12.24
N PHE A 156 -8.90 -3.66 11.08
CA PHE A 156 -8.26 -3.35 9.81
C PHE A 156 -9.34 -3.16 8.76
N ALA A 157 -8.95 -2.51 7.67
CA ALA A 157 -9.82 -2.21 6.55
C ALA A 157 -9.37 -2.95 5.32
N SER A 158 -10.33 -3.45 4.56
CA SER A 158 -10.08 -4.00 3.25
C SER A 158 -10.85 -3.22 2.19
N GLY A 159 -10.17 -2.87 1.11
CA GLY A 159 -10.79 -2.17 -0.01
C GLY A 159 -10.93 -3.11 -1.18
N CYS A 160 -12.09 -3.08 -1.84
CA CYS A 160 -12.42 -4.14 -2.77
C CYS A 160 -13.06 -3.62 -4.06
N LEU A 161 -12.84 -4.34 -5.16
CA LEU A 161 -13.48 -3.99 -6.43
C LEU A 161 -15.00 -4.17 -6.40
N ASP A 162 -15.52 -4.75 -5.31
CA ASP A 162 -16.98 -4.87 -5.13
C ASP A 162 -17.59 -3.54 -4.65
N ARG A 163 -16.76 -2.49 -4.61
CA ARG A 163 -17.20 -1.11 -4.37
C ARG A 163 -17.36 -0.81 -2.89
N THR A 164 -16.85 -1.69 -2.04
CA THR A 164 -16.96 -1.46 -0.60
C THR A 164 -15.61 -1.44 0.09
N VAL A 165 -15.61 -0.86 1.29
CA VAL A 165 -14.57 -1.07 2.25
C VAL A 165 -15.23 -1.82 3.39
N LYS A 166 -14.60 -2.89 3.86
CA LYS A 166 -15.05 -3.55 5.07
C LYS A 166 -14.03 -3.35 6.18
N VAL A 167 -14.52 -3.08 7.38
CA VAL A 167 -13.65 -2.93 8.55
C VAL A 167 -13.96 -4.09 9.48
N TRP A 168 -12.90 -4.77 9.90
CA TRP A 168 -13.00 -6.05 10.61
C TRP A 168 -12.28 -6.00 11.94
N SER A 169 -12.68 -6.88 12.84
CA SER A 169 -11.94 -7.13 14.08
C SER A 169 -11.25 -8.47 14.04
N LEU A 170 -9.98 -8.51 14.42
CA LEU A 170 -9.26 -9.77 14.52
C LEU A 170 -10.03 -10.70 15.45
N GLY A 171 -10.25 -11.93 15.01
CA GLY A 171 -10.94 -12.92 15.83
C GLY A 171 -12.44 -12.92 15.66
N GLN A 172 -12.96 -12.06 14.78
CA GLN A 172 -14.39 -12.02 14.47
C GLN A 172 -14.60 -12.18 12.98
N SER A 173 -15.67 -12.90 12.61
CA SER A 173 -15.82 -13.40 11.24
C SER A 173 -16.61 -12.51 10.28
N THR A 174 -17.31 -11.52 10.80
CA THR A 174 -18.07 -10.59 9.97
C THR A 174 -17.54 -9.18 10.17
N PRO A 175 -17.71 -8.31 9.16
CA PRO A 175 -17.23 -6.94 9.34
C PRO A 175 -17.94 -6.22 10.47
N ASN A 176 -17.20 -5.37 11.18
CA ASN A 176 -17.83 -4.44 12.10
C ASN A 176 -18.77 -3.53 11.34
N PHE A 177 -18.38 -3.15 10.13
CA PHE A 177 -19.24 -2.42 9.20
C PHE A 177 -18.69 -2.52 7.78
N THR A 178 -19.59 -2.30 6.83
CA THR A 178 -19.26 -2.21 5.41
C THR A 178 -19.60 -0.81 4.93
N LEU A 179 -18.64 -0.12 4.32
CA LEU A 179 -18.88 1.18 3.70
C LEU A 179 -19.23 1.02 2.23
N THR A 180 -20.37 1.56 1.85
CA THR A 180 -20.74 1.64 0.45
C THR A 180 -20.18 2.96 -0.06
N THR A 181 -19.13 2.87 -0.87
CA THR A 181 -18.36 4.07 -1.24
C THR A 181 -19.02 4.91 -2.31
N GLY A 182 -19.87 4.29 -3.11
CA GLY A 182 -20.42 4.94 -4.29
C GLY A 182 -19.35 5.13 -5.36
N GLN A 183 -18.23 4.42 -5.20
CA GLN A 183 -17.17 4.44 -6.22
C GLN A 183 -17.40 3.19 -7.05
N GLU A 184 -18.16 3.37 -8.13
CA GLU A 184 -18.82 2.25 -8.77
C GLU A 184 -17.88 1.37 -9.59
N ARG A 185 -16.67 1.83 -9.84
CA ARG A 185 -15.67 0.99 -10.51
C ARG A 185 -14.75 0.29 -9.51
N GLY A 186 -15.08 0.39 -8.22
CA GLY A 186 -14.39 -0.34 -7.18
C GLY A 186 -13.46 0.51 -6.37
N VAL A 187 -12.88 -0.10 -5.34
CA VAL A 187 -11.89 0.56 -4.49
C VAL A 187 -10.54 -0.12 -4.69
N ASN A 188 -9.54 0.67 -5.09
CA ASN A 188 -8.19 0.17 -5.29
C ASN A 188 -7.29 0.26 -4.07
N TYR A 189 -7.64 1.16 -3.16
CA TYR A 189 -6.78 1.51 -2.05
C TYR A 189 -7.60 2.08 -0.91
N VAL A 190 -7.20 1.75 0.32
CA VAL A 190 -7.76 2.35 1.52
C VAL A 190 -6.64 2.62 2.51
N ASP A 191 -6.73 3.74 3.22
CA ASP A 191 -5.72 4.18 4.15
C ASP A 191 -6.39 4.87 5.34
N TYR A 192 -5.73 4.85 6.47
CA TYR A 192 -6.19 5.56 7.65
C TYR A 192 -5.39 6.83 7.91
N TYR A 193 -6.08 7.87 8.34
CA TYR A 193 -5.43 9.05 8.93
C TYR A 193 -4.79 8.61 10.26
N PRO A 194 -3.50 8.91 10.47
CA PRO A 194 -2.85 8.26 11.61
C PRO A 194 -2.99 8.96 12.97
N LEU A 195 -3.46 10.20 12.97
CA LEU A 195 -3.45 10.97 14.22
C LEU A 195 -4.81 10.90 14.91
N PRO A 196 -4.82 11.12 16.23
CA PRO A 196 -6.03 10.88 17.04
C PRO A 196 -7.18 11.88 16.83
N ASP A 197 -6.95 13.01 16.17
CA ASP A 197 -8.00 14.03 16.12
C ASP A 197 -9.12 13.80 15.11
N LYS A 198 -8.93 12.89 14.16
CA LYS A 198 -9.97 12.59 13.18
C LYS A 198 -10.06 11.09 12.93
N PRO A 199 -11.29 10.54 12.96
CA PRO A 199 -11.49 9.12 12.64
C PRO A 199 -11.68 8.96 11.14
N TYR A 200 -10.63 9.24 10.36
CA TYR A 200 -10.77 9.31 8.92
C TYR A 200 -10.09 8.15 8.20
N MET A 201 -10.72 7.72 7.11
CA MET A 201 -10.12 6.82 6.15
C MET A 201 -10.27 7.44 4.77
N ILE A 202 -9.50 6.93 3.81
CA ILE A 202 -9.49 7.50 2.47
C ILE A 202 -9.45 6.37 1.45
N THR A 203 -10.24 6.50 0.38
CA THR A 203 -10.36 5.48 -0.66
C THR A 203 -10.10 6.06 -2.03
N ALA A 204 -9.47 5.25 -2.88
CA ALA A 204 -9.14 5.62 -4.26
C ALA A 204 -9.77 4.64 -5.23
N SER A 205 -10.20 5.14 -6.39
CA SER A 205 -10.96 4.32 -7.34
C SER A 205 -10.60 4.54 -8.81
N ASP A 206 -10.88 3.51 -9.60
CA ASP A 206 -10.88 3.62 -11.06
C ASP A 206 -11.92 4.64 -11.57
N ASP A 207 -12.84 5.08 -10.71
CA ASP A 207 -13.85 6.03 -11.14
C ASP A 207 -13.33 7.47 -11.07
N LEU A 208 -12.01 7.59 -10.83
CA LEU A 208 -11.28 8.86 -10.91
C LEU A 208 -11.38 9.69 -9.63
N THR A 209 -12.04 9.14 -8.61
CA THR A 209 -12.24 9.89 -7.39
C THR A 209 -11.45 9.34 -6.21
N ILE A 210 -11.23 10.23 -5.25
CA ILE A 210 -10.71 9.91 -3.93
C ILE A 210 -11.74 10.39 -2.93
N LYS A 211 -12.07 9.58 -1.95
CA LYS A 211 -13.09 9.96 -0.97
C LYS A 211 -12.54 9.84 0.45
N ILE A 212 -12.91 10.81 1.29
CA ILE A 212 -12.57 10.83 2.70
C ILE A 212 -13.80 10.42 3.51
N TRP A 213 -13.62 9.55 4.49
CA TRP A 213 -14.71 8.98 5.27
C TRP A 213 -14.49 9.14 6.76
N ASP A 214 -15.56 9.45 7.48
CA ASP A 214 -15.58 9.39 8.94
C ASP A 214 -16.02 7.98 9.28
N TYR A 215 -15.14 7.22 9.88
CA TYR A 215 -15.41 5.84 10.13
C TYR A 215 -16.31 5.59 11.35
N GLN A 216 -16.64 6.65 12.04
CA GLN A 216 -17.60 6.55 13.14
C GLN A 216 -19.03 6.75 12.64
N THR A 217 -19.27 7.75 11.83
CA THR A 217 -20.56 7.94 11.26
C THR A 217 -20.81 7.28 9.91
N LYS A 218 -19.74 6.92 9.19
CA LYS A 218 -19.79 6.43 7.80
C LYS A 218 -20.00 7.48 6.74
N SER A 219 -19.96 8.75 7.11
CA SER A 219 -20.27 9.78 6.16
C SER A 219 -19.07 10.06 5.30
N CYS A 220 -19.34 10.41 4.06
CA CYS A 220 -18.32 10.95 3.18
C CYS A 220 -18.10 12.41 3.54
N VAL A 221 -16.89 12.70 3.98
CA VAL A 221 -16.47 14.05 4.35
C VAL A 221 -16.12 14.90 3.13
N ALA A 222 -15.50 14.29 2.13
CA ALA A 222 -15.05 15.02 0.96
C ALA A 222 -14.80 14.08 -0.20
N THR A 223 -14.93 14.61 -1.41
CA THR A 223 -14.56 13.89 -2.62
C THR A 223 -13.54 14.75 -3.37
N LEU A 224 -12.39 14.15 -3.68
CA LEU A 224 -11.31 14.86 -4.33
C LEU A 224 -11.27 14.44 -5.80
N GLU A 225 -11.51 15.41 -6.68
CA GLU A 225 -11.56 15.14 -8.11
C GLU A 225 -10.46 15.90 -8.83
N GLY A 226 -9.93 15.31 -9.90
CA GLY A 226 -8.90 15.96 -10.69
C GLY A 226 -8.03 14.98 -11.47
N HIS A 227 -7.88 13.76 -10.96
CA HIS A 227 -7.13 12.75 -11.72
C HIS A 227 -7.89 12.37 -12.99
N MET A 228 -7.14 12.02 -14.04
CA MET A 228 -7.73 11.77 -15.35
C MET A 228 -7.72 10.31 -15.76
N SER A 229 -7.22 9.45 -14.87
CA SER A 229 -7.35 8.01 -15.07
C SER A 229 -7.37 7.35 -13.71
N ASN A 230 -7.37 6.02 -13.69
CA ASN A 230 -7.52 5.27 -12.43
C ASN A 230 -6.63 5.83 -11.34
N VAL A 231 -7.19 6.04 -10.14
CA VAL A 231 -6.40 6.46 -8.99
C VAL A 231 -5.90 5.21 -8.27
N SER A 232 -4.58 5.02 -8.27
CA SER A 232 -3.98 3.80 -7.75
C SER A 232 -3.91 3.80 -6.22
N PHE A 233 -3.74 4.97 -5.63
CA PHE A 233 -3.62 5.12 -4.18
C PHE A 233 -3.91 6.55 -3.77
N ALA A 234 -4.23 6.72 -2.50
CA ALA A 234 -4.33 8.03 -1.86
C ALA A 234 -4.06 7.78 -0.38
N VAL A 235 -3.18 8.61 0.20
CA VAL A 235 -2.80 8.45 1.59
C VAL A 235 -2.72 9.77 2.31
N PHE A 236 -2.91 9.72 3.62
CA PHE A 236 -2.63 10.87 4.47
C PHE A 236 -1.16 10.85 4.81
N HIS A 237 -0.49 11.98 4.68
CA HIS A 237 0.90 12.01 5.11
C HIS A 237 0.91 11.95 6.64
N PRO A 238 1.88 11.22 7.24
CA PRO A 238 1.82 11.04 8.70
C PRO A 238 2.03 12.31 9.53
N THR A 239 2.83 13.25 9.03
CA THR A 239 3.16 14.49 9.74
C THR A 239 2.65 15.82 9.13
N LEU A 240 2.66 15.94 7.81
CA LEU A 240 2.23 17.15 7.10
C LEU A 240 0.73 17.10 6.82
N PRO A 241 0.08 18.28 6.78
CA PRO A 241 -1.36 18.37 6.55
C PRO A 241 -1.70 18.25 5.07
N ILE A 242 -1.37 17.09 4.50
CA ILE A 242 -1.60 16.87 3.09
C ILE A 242 -2.05 15.44 2.84
N ILE A 243 -2.64 15.25 1.67
CA ILE A 243 -2.97 13.95 1.14
C ILE A 243 -2.17 13.80 -0.13
N ILE A 244 -1.68 12.60 -0.39
CA ILE A 244 -0.87 12.34 -1.57
C ILE A 244 -1.53 11.21 -2.36
N SER A 245 -1.79 11.46 -3.64
CA SER A 245 -2.40 10.45 -4.50
C SER A 245 -1.59 10.26 -5.77
N GLY A 246 -1.82 9.13 -6.45
CA GLY A 246 -1.12 8.82 -7.68
C GLY A 246 -2.02 8.05 -8.61
N SER A 247 -1.80 8.20 -9.91
CA SER A 247 -2.76 7.74 -10.89
C SER A 247 -2.10 7.20 -12.15
N GLU A 248 -2.84 6.37 -12.87
CA GLU A 248 -2.42 5.91 -14.19
C GLU A 248 -2.33 7.07 -15.17
N ASP A 249 -2.78 8.26 -14.79
CA ASP A 249 -2.58 9.44 -15.63
C ASP A 249 -1.14 9.95 -15.57
N GLY A 250 -0.31 9.30 -14.75
CA GLY A 250 1.10 9.62 -14.68
C GLY A 250 1.48 10.68 -13.65
N THR A 251 0.52 11.16 -12.89
CA THR A 251 0.79 12.23 -11.95
C THR A 251 0.70 11.77 -10.50
N LEU A 252 1.45 12.48 -9.65
CA LEU A 252 1.20 12.51 -8.22
C LEU A 252 0.48 13.81 -7.95
N LYS A 253 -0.49 13.79 -7.06
CA LYS A 253 -1.13 15.01 -6.62
C LYS A 253 -1.00 15.14 -5.12
N ILE A 254 -0.71 16.37 -4.67
CA ILE A 254 -0.69 16.70 -3.27
C ILE A 254 -1.88 17.61 -3.00
N TRP A 255 -2.68 17.24 -2.01
CA TRP A 255 -3.90 17.99 -1.69
C TRP A 255 -3.82 18.49 -0.26
N ASN A 256 -4.38 19.67 -0.03
CA ASN A 256 -4.53 20.22 1.32
C ASN A 256 -5.54 19.36 2.09
N SER A 257 -5.14 18.86 3.26
CA SER A 257 -6.00 17.93 4.00
C SER A 257 -7.09 18.62 4.80
N SER A 258 -7.12 19.95 4.78
CA SER A 258 -8.18 20.71 5.46
C SER A 258 -9.22 21.22 4.47
N THR A 259 -8.76 21.74 3.33
CA THR A 259 -9.65 22.31 2.32
C THR A 259 -9.94 21.31 1.22
N TYR A 260 -9.09 20.29 1.10
CA TYR A 260 -9.25 19.25 0.10
C TYR A 260 -9.06 19.78 -1.31
N LYS A 261 -8.35 20.90 -1.42
CA LYS A 261 -7.99 21.45 -2.71
C LYS A 261 -6.59 21.00 -3.12
N VAL A 262 -6.39 20.76 -4.41
CA VAL A 262 -5.09 20.34 -4.91
C VAL A 262 -4.08 21.47 -4.71
N GLU A 263 -2.90 21.13 -4.21
CA GLU A 263 -1.82 22.11 -3.98
C GLU A 263 -0.72 21.99 -5.05
N LYS A 264 -0.50 20.78 -5.53
CA LYS A 264 0.59 20.52 -6.45
C LYS A 264 0.29 19.27 -7.28
N THR A 265 0.58 19.35 -8.57
CA THR A 265 0.52 18.18 -9.46
C THR A 265 1.91 17.98 -10.04
N LEU A 266 2.44 16.77 -9.90
CA LEU A 266 3.77 16.46 -10.39
C LEU A 266 3.68 15.37 -11.45
N ASN A 267 4.23 15.61 -12.63
CA ASN A 267 4.46 14.51 -13.55
C ASN A 267 5.95 14.24 -13.58
N VAL A 268 6.35 13.18 -12.90
CA VAL A 268 7.76 12.90 -12.74
C VAL A 268 8.31 12.15 -13.95
N GLY A 269 7.45 11.83 -14.91
CA GLY A 269 7.92 11.34 -16.21
C GLY A 269 8.25 9.86 -16.27
N LEU A 270 7.57 9.07 -15.43
CA LEU A 270 7.79 7.63 -15.39
C LEU A 270 6.54 6.86 -15.82
N GLU A 271 5.62 7.57 -16.45
CA GLU A 271 4.33 7.02 -16.88
C GLU A 271 3.47 6.64 -15.67
N ARG A 272 2.70 5.56 -15.75
CA ARG A 272 1.65 5.32 -14.76
C ARG A 272 2.19 5.12 -13.36
N SER A 273 1.48 5.69 -12.38
CA SER A 273 1.86 5.57 -10.97
C SER A 273 1.05 4.46 -10.31
N TRP A 274 1.70 3.62 -9.52
CA TRP A 274 1.03 2.44 -8.97
C TRP A 274 1.01 2.34 -7.45
N CYS A 275 2.00 2.92 -6.79
CA CYS A 275 2.18 2.66 -5.37
C CYS A 275 2.91 3.78 -4.66
N ILE A 276 2.76 3.79 -3.33
CA ILE A 276 3.25 4.88 -2.50
C ILE A 276 3.76 4.36 -1.15
N ALA A 277 4.74 5.06 -0.62
CA ALA A 277 5.18 4.87 0.76
C ALA A 277 5.55 6.23 1.34
N THR A 278 5.32 6.38 2.64
CA THR A 278 5.72 7.58 3.34
C THR A 278 6.63 7.14 4.46
N HIS A 279 7.68 7.89 4.71
CA HIS A 279 8.61 7.46 5.75
C HIS A 279 7.90 7.44 7.09
N PRO A 280 7.95 6.30 7.80
CA PRO A 280 7.24 6.08 9.06
C PRO A 280 7.24 7.30 10.00
N THR A 281 8.40 7.93 10.16
CA THR A 281 8.58 9.04 11.09
C THR A 281 8.75 10.40 10.43
N GLY A 282 8.42 10.51 9.16
CA GLY A 282 8.56 11.78 8.45
C GLY A 282 10.00 12.25 8.31
N ARG A 283 10.95 11.32 8.38
CA ARG A 283 12.34 11.69 8.18
C ARG A 283 12.52 12.43 6.86
N LYS A 284 13.00 13.67 6.94
CA LYS A 284 13.19 14.51 5.76
C LYS A 284 11.93 14.59 4.93
N ASN A 285 10.79 14.31 5.55
CA ASN A 285 9.52 14.30 4.85
C ASN A 285 9.61 13.48 3.57
N TYR A 286 10.27 12.33 3.65
CA TYR A 286 10.45 11.49 2.47
C TYR A 286 9.15 10.79 2.06
N ILE A 287 8.88 10.77 0.76
CA ILE A 287 7.87 9.88 0.21
C ILE A 287 8.50 9.18 -0.98
N ALA A 288 7.92 8.04 -1.37
CA ALA A 288 8.40 7.32 -2.55
C ALA A 288 7.22 6.75 -3.32
N SER A 289 7.31 6.77 -4.63
CA SER A 289 6.26 6.21 -5.46
C SER A 289 6.85 5.36 -6.57
N GLY A 290 6.15 4.28 -6.91
CA GLY A 290 6.52 3.40 -7.99
C GLY A 290 5.64 3.58 -9.21
N PHE A 291 6.25 3.44 -10.37
CA PHE A 291 5.63 3.74 -11.66
C PHE A 291 5.99 2.67 -12.70
N ASP A 292 5.35 2.75 -13.87
CA ASP A 292 5.68 1.89 -15.00
C ASP A 292 7.18 1.78 -15.26
N ASN A 293 7.89 2.90 -15.17
CA ASN A 293 9.27 2.95 -15.62
C ASN A 293 10.32 3.14 -14.53
N GLY A 294 9.91 3.03 -13.28
CA GLY A 294 10.84 3.12 -12.17
C GLY A 294 10.21 3.71 -10.93
N PHE A 295 11.03 4.28 -10.06
CA PHE A 295 10.56 4.87 -8.82
C PHE A 295 11.22 6.21 -8.57
N THR A 296 10.64 6.98 -7.68
CA THR A 296 11.27 8.19 -7.21
C THR A 296 11.05 8.33 -5.72
N VAL A 297 12.10 8.83 -5.05
CA VAL A 297 12.07 9.18 -3.64
C VAL A 297 12.21 10.68 -3.60
N LEU A 298 11.24 11.33 -2.97
CA LEU A 298 11.16 12.78 -2.89
C LEU A 298 11.22 13.23 -1.44
N SER A 299 11.89 14.34 -1.19
CA SER A 299 11.77 15.03 0.08
C SER A 299 10.82 16.20 -0.11
N LEU A 300 9.79 16.30 0.72
CA LEU A 300 8.74 17.29 0.47
C LEU A 300 9.06 18.67 1.05
N GLY A 301 10.07 18.75 1.90
CA GLY A 301 10.40 20.00 2.57
C GLY A 301 11.48 19.80 3.62
N LYS B 1 -8.75 -11.84 -16.63
CA LYS B 1 -8.22 -11.26 -15.39
C LYS B 1 -8.27 -9.73 -15.45
N THR B 2 -9.18 -9.12 -14.69
CA THR B 2 -9.21 -7.67 -14.64
C THR B 2 -8.02 -7.16 -13.80
N LYS B 3 -7.66 -5.90 -14.00
CA LYS B 3 -6.55 -5.31 -13.25
C LYS B 3 -5.28 -6.15 -13.41
N LEU B 4 -4.98 -6.54 -14.64
CA LEU B 4 -3.78 -7.32 -14.92
C LEU B 4 -2.52 -6.45 -14.87
N LEU B 5 -2.65 -5.18 -15.24
CA LEU B 5 -1.50 -4.26 -15.24
C LEU B 5 -0.90 -4.11 -13.86
#